data_8ZAG
#
_entry.id   8ZAG
#
_cell.length_a   86.249
_cell.length_b   64.607
_cell.length_c   70.955
_cell.angle_alpha   90.00
_cell.angle_beta   108.93
_cell.angle_gamma   90.00
#
_symmetry.space_group_name_H-M   'C 1 2 1'
#
loop_
_entity.id
_entity.type
_entity.pdbx_description
1 polymer 'Sesquiterpene synthases'
2 non-polymer 'ZINC ION'
3 non-polymer 'MAGNESIUM ION'
4 non-polymer 'PYROPHOSPHATE 2-'
5 water water
#
_entity_poly.entity_id   1
_entity_poly.type   'polypeptide(L)'
_entity_poly.pdbx_seq_one_letter_code
;HHHHHHENLYFQGAGAGAGAGAGMNFDLNNEQKSITARISDQDQLHYPKEIENDLMNCGLTEKERVEILATAWEYVRCGV
PEFTNWEKYIAFVRLTALTTVAEYRGKLVDIDRLLTPGEYVLGYPVRELLDTLFAGTSVYEAMLQEYASCLLFMAEKTRD
HQSDLCKKYIEAIASSPSRYYRLRDCDAQVRLFIAAAVACNDLDPDFTEMEYQAMAEIGITLYDAVAFYKHRAEAEVSNL
YAYCGQDLEFRQEVYQTARSTLWALETMWCKTVQGRSAINLLKNLPLIHMSMRRYRFVEDGLTIGKPETSAVVRAARNHV
KLWYRNDAASNSPAEMERSFESVQYMLYPELKEALQLPITEMCQKCTRREVYGGVSEEGQFGGVVLCKDSQEEWRHYVRS
SESRHLDWLGFLN
;
_entity_poly.pdbx_strand_id   A
#
# COMPACT_ATOMS: atom_id res chain seq x y z
N GLN A 44 24.71 5.75 -5.26
CA GLN A 44 24.30 7.14 -4.97
C GLN A 44 22.80 7.32 -5.33
N LEU A 45 22.15 8.26 -4.64
CA LEU A 45 20.70 8.55 -4.76
C LEU A 45 20.50 9.71 -5.71
N HIS A 46 19.46 9.66 -6.55
CA HIS A 46 19.22 10.63 -7.64
C HIS A 46 17.75 11.04 -7.58
N TYR A 47 17.49 12.33 -7.63
CA TYR A 47 16.11 12.83 -7.80
C TYR A 47 16.14 14.25 -8.35
N PRO A 48 14.98 14.74 -8.80
CA PRO A 48 14.91 16.02 -9.49
C PRO A 48 15.25 17.23 -8.61
N LYS A 49 15.90 18.21 -9.22
CA LYS A 49 16.32 19.44 -8.52
C LYS A 49 15.13 20.10 -7.82
N GLU A 50 13.93 20.06 -8.44
CA GLU A 50 12.68 20.67 -7.94
C GLU A 50 12.53 20.29 -6.46
N ILE A 51 12.75 19.04 -6.07
CA ILE A 51 12.39 18.56 -4.71
C ILE A 51 13.62 18.57 -3.78
N GLU A 52 14.81 19.06 -4.18
CA GLU A 52 16.04 18.70 -3.39
C GLU A 52 16.08 19.43 -2.05
N ASN A 53 15.32 20.51 -1.89
CA ASN A 53 15.20 21.27 -0.61
C ASN A 53 13.88 20.98 0.10
N ASP A 54 13.23 19.86 -0.23
CA ASP A 54 11.98 19.49 0.48
C ASP A 54 12.27 18.90 1.85
N LEU A 55 11.29 18.90 2.76
CA LEU A 55 11.36 18.10 4.02
C LEU A 55 12.50 18.57 4.92
N MET A 56 12.89 19.85 4.79
CA MET A 56 13.93 20.43 5.69
C MET A 56 13.28 20.98 6.97
N ASN A 57 14.04 20.96 8.06
CA ASN A 57 13.65 21.60 9.34
C ASN A 57 12.37 20.94 9.83
N CYS A 58 12.33 19.61 9.79
CA CYS A 58 11.12 18.76 10.00
C CYS A 58 11.19 17.79 11.15
N GLY A 59 12.38 17.54 11.69
CA GLY A 59 12.59 16.38 12.57
C GLY A 59 13.18 15.19 11.80
N LEU A 60 13.61 15.39 10.56
CA LEU A 60 14.34 14.32 9.82
C LEU A 60 15.81 14.69 9.73
N THR A 61 16.69 13.70 9.91
CA THR A 61 18.13 13.85 9.64
C THR A 61 18.34 14.07 8.15
N GLU A 62 19.52 14.54 7.77
CA GLU A 62 19.88 14.73 6.35
C GLU A 62 19.84 13.37 5.64
N LYS A 63 20.33 12.32 6.29
CA LYS A 63 20.34 10.97 5.68
C LYS A 63 18.90 10.46 5.45
N GLU A 64 18.02 10.60 6.44
CA GLU A 64 16.59 10.22 6.27
C GLU A 64 15.99 11.02 5.12
N ARG A 65 16.23 12.32 5.11
CA ARG A 65 15.56 13.27 4.20
C ARG A 65 15.88 12.89 2.77
N VAL A 66 17.16 12.61 2.46
CA VAL A 66 17.59 12.28 1.08
C VAL A 66 17.10 10.88 0.72
N GLU A 67 17.06 9.93 1.67
CA GLU A 67 16.55 8.56 1.38
C GLU A 67 15.05 8.66 1.11
N ILE A 68 14.33 9.46 1.87
CA ILE A 68 12.86 9.60 1.63
C ILE A 68 12.63 10.18 0.24
N LEU A 69 13.32 11.24 -0.12
CA LEU A 69 13.07 11.93 -1.42
C LEU A 69 13.42 10.97 -2.54
N ALA A 70 14.51 10.23 -2.40
CA ALA A 70 14.92 9.27 -3.42
C ALA A 70 13.88 8.16 -3.52
N THR A 71 13.40 7.60 -2.40
CA THR A 71 12.42 6.52 -2.42
C THR A 71 11.20 7.02 -3.18
N ALA A 72 10.74 8.20 -2.80
CA ALA A 72 9.49 8.74 -3.42
C ALA A 72 9.68 8.85 -4.93
N TRP A 73 10.77 9.47 -5.36
CA TRP A 73 11.05 9.66 -6.79
C TRP A 73 11.09 8.29 -7.46
N GLU A 74 11.88 7.34 -6.90
CA GLU A 74 12.04 6.03 -7.53
C GLU A 74 10.68 5.32 -7.61
N TYR A 75 9.85 5.39 -6.57
CA TYR A 75 8.53 4.72 -6.65
C TYR A 75 7.66 5.30 -7.75
N VAL A 76 7.59 6.63 -7.82
CA VAL A 76 6.75 7.24 -8.88
C VAL A 76 7.32 6.87 -10.24
N ARG A 77 8.65 6.96 -10.41
CA ARG A 77 9.26 6.59 -11.70
C ARG A 77 8.94 5.15 -12.14
N CYS A 78 9.03 4.21 -11.20
CA CYS A 78 8.78 2.81 -11.46
C CYS A 78 7.29 2.57 -11.70
N GLY A 79 6.40 3.18 -10.93
CA GLY A 79 4.94 2.91 -11.04
C GLY A 79 4.25 3.71 -12.11
N VAL A 80 4.80 4.91 -12.42
CA VAL A 80 4.24 5.82 -13.45
C VAL A 80 5.32 6.19 -14.45
N PRO A 81 5.85 5.22 -15.19
CA PRO A 81 6.94 5.52 -16.14
C PRO A 81 6.53 6.42 -17.31
N GLU A 82 5.27 6.41 -17.72
CA GLU A 82 4.77 7.21 -18.87
C GLU A 82 3.88 8.31 -18.29
N PHE A 83 4.19 9.57 -18.58
CA PHE A 83 3.47 10.75 -18.07
C PHE A 83 3.65 11.87 -19.10
N THR A 84 2.80 12.89 -19.03
CA THR A 84 2.96 14.11 -19.86
C THR A 84 3.01 15.40 -19.04
N ASN A 85 2.52 15.42 -17.81
CA ASN A 85 2.29 16.66 -17.06
C ASN A 85 3.28 16.68 -15.90
N TRP A 86 4.39 17.38 -16.08
CA TRP A 86 5.45 17.45 -15.05
C TRP A 86 4.97 18.11 -13.76
N GLU A 87 4.09 19.11 -13.80
CA GLU A 87 3.58 19.80 -12.58
C GLU A 87 2.85 18.76 -11.74
N LYS A 88 1.96 17.99 -12.36
CA LYS A 88 1.20 16.97 -11.61
C LYS A 88 2.15 15.88 -11.11
N TYR A 89 3.11 15.50 -11.93
CA TYR A 89 4.09 14.42 -11.60
C TYR A 89 4.84 14.80 -10.33
N ILE A 90 5.43 15.99 -10.31
CA ILE A 90 6.18 16.44 -9.12
C ILE A 90 5.25 16.56 -7.89
N ALA A 91 4.00 17.00 -8.05
CA ALA A 91 3.06 17.09 -6.92
C ALA A 91 2.85 15.66 -6.36
N PHE A 92 2.79 14.68 -7.25
CA PHE A 92 2.58 13.26 -6.89
C PHE A 92 3.83 12.76 -6.15
N VAL A 93 4.98 13.07 -6.68
CA VAL A 93 6.23 12.67 -5.99
C VAL A 93 6.21 13.24 -4.58
N ARG A 94 5.86 14.51 -4.40
CA ARG A 94 5.80 15.11 -3.07
C ARG A 94 4.79 14.39 -2.17
N LEU A 95 3.62 14.09 -2.67
CA LEU A 95 2.61 13.33 -1.89
C LEU A 95 3.23 11.97 -1.51
N THR A 96 3.99 11.36 -2.38
CA THR A 96 4.62 10.04 -2.13
C THR A 96 5.76 10.20 -1.11
N ALA A 97 6.49 11.30 -1.10
CA ALA A 97 7.48 11.57 -0.05
C ALA A 97 6.74 11.59 1.29
N LEU A 98 5.56 12.23 1.37
CA LEU A 98 4.85 12.32 2.65
C LEU A 98 4.38 10.91 3.02
N THR A 99 3.86 10.14 2.07
CA THR A 99 3.49 8.73 2.29
C THR A 99 4.67 7.98 2.89
N THR A 100 5.83 8.15 2.29
CA THR A 100 7.04 7.45 2.72
C THR A 100 7.31 7.78 4.20
N VAL A 101 7.16 9.04 4.62
CA VAL A 101 7.37 9.39 6.05
C VAL A 101 6.32 8.64 6.88
N ALA A 102 5.05 8.70 6.51
CA ALA A 102 3.98 8.05 7.29
C ALA A 102 4.27 6.54 7.47
N GLU A 103 4.93 5.88 6.52
CA GLU A 103 5.07 4.40 6.45
C GLU A 103 6.07 3.89 7.47
N TYR A 104 6.86 4.75 8.08
CA TYR A 104 7.79 4.24 9.11
C TYR A 104 7.88 5.20 10.30
N ARG A 105 7.60 6.52 10.12
CA ARG A 105 7.62 7.53 11.23
C ARG A 105 6.35 8.36 11.23
N GLY A 106 5.24 7.65 11.32
CA GLY A 106 3.87 8.19 11.35
C GLY A 106 3.70 9.29 12.39
N LYS A 107 4.43 9.25 13.52
CA LYS A 107 4.29 10.27 14.62
C LYS A 107 4.51 11.67 14.04
N LEU A 108 5.37 11.84 13.02
CA LEU A 108 5.72 13.15 12.45
C LEU A 108 4.56 13.74 11.63
N VAL A 109 3.64 12.90 11.17
CA VAL A 109 2.61 13.28 10.18
C VAL A 109 1.30 13.61 10.88
N ASP A 110 0.82 14.86 10.77
CA ASP A 110 -0.50 15.28 11.30
C ASP A 110 -1.60 14.86 10.33
N ILE A 111 -2.11 13.63 10.54
CA ILE A 111 -3.14 13.01 9.67
C ILE A 111 -4.35 13.95 9.54
N ASP A 112 -4.74 14.61 10.65
CA ASP A 112 -5.98 15.40 10.67
C ASP A 112 -5.84 16.69 9.83
N ARG A 113 -4.67 17.07 9.36
CA ARG A 113 -4.52 18.32 8.57
C ARG A 113 -4.27 18.00 7.10
N LEU A 114 -4.22 16.72 6.72
CA LEU A 114 -3.89 16.34 5.34
C LEU A 114 -4.90 16.92 4.37
N LEU A 115 -6.18 16.92 4.71
CA LEU A 115 -7.23 17.31 3.73
C LEU A 115 -7.66 18.76 3.99
N THR A 116 -7.03 19.46 4.92
CA THR A 116 -7.41 20.84 5.31
C THR A 116 -6.80 21.87 4.37
N PRO A 117 -7.60 22.69 3.66
CA PRO A 117 -7.02 23.73 2.81
C PRO A 117 -6.15 24.64 3.67
N GLY A 118 -4.96 24.94 3.16
CA GLY A 118 -4.00 25.89 3.76
C GLY A 118 -3.05 25.27 4.74
N GLU A 119 -3.18 23.96 5.06
CA GLU A 119 -2.32 23.36 6.07
C GLU A 119 -1.09 22.82 5.36
N TYR A 120 0.06 23.14 5.93
CA TYR A 120 1.35 22.54 5.55
C TYR A 120 1.65 21.39 6.51
N VAL A 121 1.98 20.25 5.93
CA VAL A 121 2.36 19.08 6.74
C VAL A 121 3.80 18.73 6.36
N LEU A 122 4.73 18.91 7.29
CA LEU A 122 6.18 18.74 7.01
C LEU A 122 6.54 19.57 5.78
N GLY A 123 6.02 20.79 5.71
CA GLY A 123 6.29 21.74 4.64
C GLY A 123 5.53 21.53 3.34
N TYR A 124 4.70 20.49 3.23
CA TYR A 124 3.93 20.25 2.00
C TYR A 124 2.51 20.79 2.14
N PRO A 125 2.02 21.55 1.16
CA PRO A 125 0.62 21.96 1.15
C PRO A 125 -0.25 20.81 0.61
N VAL A 126 -0.55 19.87 1.48
CA VAL A 126 -1.01 18.53 1.06
C VAL A 126 -2.27 18.67 0.21
N ARG A 127 -3.23 19.44 0.67
CA ARG A 127 -4.48 19.57 -0.07
C ARG A 127 -4.25 20.27 -1.41
N GLU A 128 -3.36 21.26 -1.52
CA GLU A 128 -2.99 21.90 -2.80
C GLU A 128 -2.41 20.85 -3.75
N LEU A 129 -1.54 19.98 -3.24
CA LEU A 129 -0.93 18.92 -4.09
C LEU A 129 -2.01 17.96 -4.60
N LEU A 130 -2.88 17.49 -3.72
CA LEU A 130 -4.02 16.62 -4.15
C LEU A 130 -4.93 17.32 -5.14
N ASP A 131 -5.18 18.62 -4.92
CA ASP A 131 -6.03 19.34 -5.89
C ASP A 131 -5.31 19.43 -7.24
N THR A 132 -3.99 19.70 -7.25
CA THR A 132 -3.24 19.81 -8.50
C THR A 132 -3.34 18.47 -9.25
N LEU A 133 -3.17 17.39 -8.51
CA LEU A 133 -3.16 16.05 -9.14
C LEU A 133 -4.54 15.63 -9.64
N PHE A 134 -5.60 15.88 -8.88
CA PHE A 134 -6.92 15.23 -9.08
C PHE A 134 -8.11 16.20 -9.28
N ALA A 135 -8.05 17.46 -8.89
CA ALA A 135 -9.22 18.35 -9.10
C ALA A 135 -9.60 18.28 -10.59
N GLY A 136 -10.92 18.18 -10.88
CA GLY A 136 -11.44 18.11 -12.26
C GLY A 136 -11.50 16.70 -12.85
N THR A 137 -10.93 15.70 -12.16
CA THR A 137 -11.14 14.29 -12.52
C THR A 137 -12.42 13.80 -11.84
N SER A 138 -12.92 12.68 -12.33
CA SER A 138 -14.12 11.98 -11.83
C SER A 138 -13.83 11.26 -10.53
N VAL A 139 -12.56 11.14 -10.11
CA VAL A 139 -12.20 10.38 -8.89
C VAL A 139 -11.69 11.35 -7.82
N TYR A 140 -11.87 12.68 -7.98
CA TYR A 140 -11.31 13.64 -7.00
C TYR A 140 -11.68 13.30 -5.57
N GLU A 141 -12.99 13.28 -5.25
CA GLU A 141 -13.37 13.08 -3.83
C GLU A 141 -12.85 11.72 -3.32
N ALA A 142 -12.94 10.67 -4.11
CA ALA A 142 -12.60 9.30 -3.67
C ALA A 142 -11.10 9.26 -3.39
N MET A 143 -10.31 9.98 -4.17
CA MET A 143 -8.83 9.90 -4.01
C MET A 143 -8.39 10.74 -2.81
N LEU A 144 -9.10 11.83 -2.47
CA LEU A 144 -8.80 12.51 -1.19
C LEU A 144 -8.94 11.54 -0.02
N GLN A 145 -10.03 10.76 0.00
CA GLN A 145 -10.29 9.77 1.04
C GLN A 145 -9.27 8.62 0.95
N GLU A 146 -8.92 8.23 -0.26
CA GLU A 146 -7.99 7.10 -0.43
C GLU A 146 -6.65 7.48 0.19
N TYR A 147 -6.18 8.70 -0.11
CA TYR A 147 -4.85 9.10 0.35
C TYR A 147 -4.85 9.24 1.87
N ALA A 148 -5.79 10.03 2.40
CA ALA A 148 -5.89 10.28 3.84
C ALA A 148 -6.08 8.96 4.62
N SER A 149 -6.94 8.07 4.14
CA SER A 149 -7.18 6.77 4.81
C SER A 149 -5.89 5.94 4.82
N CYS A 150 -5.13 5.97 3.72
CA CYS A 150 -3.86 5.24 3.64
C CYS A 150 -2.93 5.75 4.72
N LEU A 151 -2.64 7.07 4.76
CA LEU A 151 -1.64 7.57 5.70
C LEU A 151 -2.14 7.40 7.15
N LEU A 152 -3.44 7.51 7.37
CA LEU A 152 -4.03 7.30 8.71
C LEU A 152 -3.57 5.93 9.24
N PHE A 153 -3.78 4.84 8.50
CA PHE A 153 -3.44 3.50 9.04
C PHE A 153 -1.97 3.19 8.86
N MET A 154 -1.26 3.86 7.95
CA MET A 154 0.22 3.82 8.02
C MET A 154 0.72 4.34 9.38
N ALA A 155 0.23 5.51 9.82
CA ALA A 155 0.67 6.14 11.07
C ALA A 155 0.14 5.32 12.25
N GLU A 156 -1.10 4.85 12.21
CA GLU A 156 -1.65 3.99 13.30
C GLU A 156 -0.82 2.70 13.49
N LYS A 157 -0.41 2.08 12.40
CA LYS A 157 0.36 0.82 12.45
C LYS A 157 1.77 1.12 12.94
N THR A 158 2.32 2.30 12.62
CA THR A 158 3.73 2.68 12.94
C THR A 158 3.77 3.49 14.25
N ARG A 159 2.75 3.34 15.10
CA ARG A 159 2.69 4.04 16.40
C ARG A 159 3.31 3.18 17.49
N ASP A 160 3.88 3.85 18.50
CA ASP A 160 4.38 3.34 19.80
C ASP A 160 3.39 2.35 20.43
N HIS A 161 2.23 2.84 20.87
CA HIS A 161 1.15 2.08 21.56
C HIS A 161 0.01 1.85 20.56
N GLN A 162 -0.44 0.60 20.40
CA GLN A 162 -1.54 0.22 19.48
C GLN A 162 -2.85 0.82 20.01
N SER A 163 -3.54 1.64 19.20
CA SER A 163 -4.87 2.21 19.52
C SER A 163 -6.00 1.18 19.32
N ASP A 164 -7.19 1.45 19.85
CA ASP A 164 -8.41 0.61 19.67
C ASP A 164 -8.79 0.65 18.18
N LEU A 165 -8.63 1.81 17.56
CA LEU A 165 -8.96 2.00 16.13
C LEU A 165 -8.02 1.11 15.31
N CYS A 166 -6.74 1.09 15.65
CA CYS A 166 -5.73 0.27 14.96
C CYS A 166 -6.08 -1.23 15.13
N LYS A 167 -6.45 -1.63 16.35
CA LYS A 167 -6.88 -3.02 16.61
C LYS A 167 -8.09 -3.37 15.72
N LYS A 168 -9.06 -2.47 15.55
CA LYS A 168 -10.25 -2.75 14.72
C LYS A 168 -9.78 -2.97 13.27
N TYR A 169 -8.84 -2.16 12.80
CA TYR A 169 -8.27 -2.29 11.43
C TYR A 169 -7.61 -3.66 11.26
N ILE A 170 -6.74 -4.01 12.19
CA ILE A 170 -5.99 -5.29 12.12
C ILE A 170 -7.00 -6.46 12.10
N GLU A 171 -8.06 -6.40 12.89
CA GLU A 171 -9.06 -7.50 12.87
C GLU A 171 -9.90 -7.42 11.59
N ALA A 172 -10.19 -6.22 11.06
CA ALA A 172 -11.02 -6.05 9.86
C ALA A 172 -10.34 -6.67 8.63
N ILE A 173 -9.04 -6.46 8.47
CA ILE A 173 -8.39 -6.93 7.20
C ILE A 173 -8.26 -8.46 7.22
N ALA A 174 -8.44 -9.11 8.38
CA ALA A 174 -8.47 -10.58 8.51
C ALA A 174 -9.90 -11.14 8.42
N SER A 175 -10.90 -10.34 8.15
CA SER A 175 -12.32 -10.71 8.28
C SER A 175 -12.78 -11.45 7.01
N SER A 176 -12.20 -11.15 5.86
CA SER A 176 -12.57 -11.78 4.57
C SER A 176 -11.51 -11.45 3.55
N PRO A 177 -11.28 -12.32 2.55
CA PRO A 177 -10.27 -12.00 1.54
C PRO A 177 -10.64 -10.76 0.71
N SER A 178 -11.91 -10.53 0.37
CA SER A 178 -12.35 -9.37 -0.45
C SER A 178 -12.06 -8.12 0.39
N ARG A 179 -12.36 -8.15 1.68
CA ARG A 179 -12.10 -6.96 2.52
C ARG A 179 -10.59 -6.76 2.59
N TYR A 180 -9.80 -7.82 2.78
CA TYR A 180 -8.33 -7.72 2.83
C TYR A 180 -7.83 -6.95 1.59
N TYR A 181 -8.24 -7.41 0.42
CA TYR A 181 -7.81 -6.81 -0.87
C TYR A 181 -8.20 -5.33 -0.98
N ARG A 182 -9.43 -4.96 -0.63
CA ARG A 182 -9.86 -3.55 -0.74
C ARG A 182 -9.06 -2.68 0.25
N LEU A 183 -8.85 -3.12 1.49
CA LEU A 183 -8.13 -2.29 2.49
C LEU A 183 -6.62 -2.27 2.16
N ARG A 184 -6.06 -3.36 1.62
CA ARG A 184 -4.67 -3.42 1.18
C ARG A 184 -4.48 -2.54 -0.06
N ASP A 185 -5.47 -2.43 -0.90
CA ASP A 185 -5.40 -1.52 -2.07
C ASP A 185 -5.04 -0.14 -1.53
N CYS A 186 -5.85 0.36 -0.60
CA CYS A 186 -5.59 1.73 -0.08
C CYS A 186 -4.22 1.78 0.56
N ASP A 187 -3.86 0.80 1.40
CA ASP A 187 -2.59 0.75 2.14
C ASP A 187 -1.37 0.77 1.21
N ALA A 188 -1.46 0.10 0.06
CA ALA A 188 -0.35 0.03 -0.90
C ALA A 188 -0.53 1.09 -1.99
N GLN A 189 -1.62 1.87 -1.92
CA GLN A 189 -2.02 2.94 -2.89
C GLN A 189 -2.11 2.37 -4.32
N VAL A 190 -2.74 1.21 -4.52
CA VAL A 190 -2.81 0.64 -5.90
C VAL A 190 -3.76 1.45 -6.79
N ARG A 191 -5.04 1.57 -6.45
CA ARG A 191 -5.96 2.35 -7.29
C ARG A 191 -5.50 3.82 -7.29
N LEU A 192 -4.98 4.32 -6.19
CA LEU A 192 -4.52 5.73 -6.14
C LEU A 192 -3.45 5.91 -7.21
N PHE A 193 -2.41 5.05 -7.24
CA PHE A 193 -1.34 5.19 -8.26
C PHE A 193 -1.89 5.07 -9.67
N ILE A 194 -2.80 4.12 -9.92
CA ILE A 194 -3.41 3.94 -11.26
C ILE A 194 -4.13 5.24 -11.64
N ALA A 195 -4.97 5.77 -10.78
CA ALA A 195 -5.70 7.03 -11.08
C ALA A 195 -4.74 8.20 -11.23
N ALA A 196 -3.72 8.27 -10.39
CA ALA A 196 -2.74 9.38 -10.45
C ALA A 196 -1.99 9.29 -11.78
N ALA A 197 -1.63 8.06 -12.20
CA ALA A 197 -0.91 7.85 -13.47
C ALA A 197 -1.76 8.42 -14.62
N VAL A 198 -3.03 8.11 -14.66
CA VAL A 198 -3.91 8.60 -15.74
C VAL A 198 -3.96 10.13 -15.67
N ALA A 199 -4.12 10.67 -14.47
CA ALA A 199 -4.18 12.13 -14.20
C ALA A 199 -2.89 12.78 -14.69
N CYS A 200 -1.74 12.13 -14.51
CA CYS A 200 -0.42 12.69 -14.92
C CYS A 200 -0.21 12.58 -16.42
N ASN A 201 -1.16 12.01 -17.16
CA ASN A 201 -1.23 12.00 -18.65
C ASN A 201 -2.39 12.92 -19.11
N ASP A 202 -2.85 13.78 -18.23
CA ASP A 202 -3.93 14.79 -18.50
C ASP A 202 -5.18 14.11 -19.02
N LEU A 203 -5.51 12.97 -18.45
CA LEU A 203 -6.73 12.24 -18.78
C LEU A 203 -7.55 12.07 -17.51
N ASP A 204 -8.83 11.78 -17.68
CA ASP A 204 -9.76 11.53 -16.58
C ASP A 204 -9.93 10.03 -16.45
N PRO A 205 -9.43 9.40 -15.36
CA PRO A 205 -9.60 7.95 -15.18
C PRO A 205 -11.07 7.54 -15.30
N ASP A 206 -11.32 6.52 -16.12
CA ASP A 206 -12.66 6.01 -16.49
C ASP A 206 -12.87 4.55 -16.03
N PHE A 207 -12.01 4.00 -15.18
CA PHE A 207 -12.15 2.62 -14.63
C PHE A 207 -13.41 2.52 -13.79
N THR A 208 -14.10 1.41 -13.92
CA THR A 208 -15.24 1.06 -13.05
C THR A 208 -14.74 0.57 -11.69
N GLU A 209 -15.63 0.46 -10.72
CA GLU A 209 -15.28 -0.05 -9.38
C GLU A 209 -14.77 -1.49 -9.52
N MET A 210 -15.45 -2.33 -10.32
CA MET A 210 -15.01 -3.75 -10.45
C MET A 210 -13.67 -3.80 -11.21
N GLU A 211 -13.39 -2.87 -12.11
CA GLU A 211 -12.07 -2.79 -12.77
C GLU A 211 -11.01 -2.50 -11.70
N TYR A 212 -11.21 -1.52 -10.81
CA TYR A 212 -10.19 -1.22 -9.77
C TYR A 212 -9.99 -2.45 -8.88
N GLN A 213 -11.11 -3.09 -8.53
CA GLN A 213 -11.02 -4.25 -7.62
C GLN A 213 -10.23 -5.39 -8.29
N ALA A 214 -10.45 -5.67 -9.58
CA ALA A 214 -9.70 -6.74 -10.31
C ALA A 214 -8.22 -6.39 -10.35
N MET A 215 -7.95 -5.16 -10.74
CA MET A 215 -6.56 -4.66 -10.84
C MET A 215 -5.87 -4.76 -9.49
N ALA A 216 -6.49 -4.33 -8.40
CA ALA A 216 -5.84 -4.41 -7.08
C ALA A 216 -5.60 -5.87 -6.66
N GLU A 217 -6.55 -6.76 -6.86
CA GLU A 217 -6.31 -8.17 -6.51
C GLU A 217 -5.11 -8.72 -7.29
N ILE A 218 -5.00 -8.42 -8.59
CA ILE A 218 -3.84 -8.87 -9.41
C ILE A 218 -2.56 -8.32 -8.78
N GLY A 219 -2.51 -6.99 -8.59
CA GLY A 219 -1.28 -6.37 -8.13
C GLY A 219 -0.85 -6.79 -6.74
N ILE A 220 -1.81 -6.93 -5.81
CA ILE A 220 -1.52 -7.30 -4.41
C ILE A 220 -1.11 -8.80 -4.35
N THR A 221 -1.74 -9.65 -5.16
CA THR A 221 -1.36 -11.08 -5.24
C THR A 221 0.11 -11.18 -5.63
N LEU A 222 0.54 -10.37 -6.63
CA LEU A 222 1.97 -10.37 -6.98
C LEU A 222 2.84 -9.72 -5.91
N TYR A 223 2.47 -8.51 -5.46
CA TYR A 223 3.35 -7.74 -4.59
C TYR A 223 3.58 -8.45 -3.25
N ASP A 224 2.49 -8.93 -2.64
CA ASP A 224 2.55 -9.56 -1.31
C ASP A 224 3.35 -10.87 -1.41
N ALA A 225 3.43 -11.48 -2.60
CA ALA A 225 4.24 -12.70 -2.79
C ALA A 225 5.73 -12.32 -2.76
N VAL A 226 6.11 -11.31 -3.53
CA VAL A 226 7.52 -10.89 -3.58
C VAL A 226 7.93 -10.34 -2.23
N ALA A 227 7.07 -9.57 -1.56
CA ALA A 227 7.33 -8.97 -0.25
C ALA A 227 7.20 -9.96 0.92
N PHE A 228 6.86 -11.23 0.64
CA PHE A 228 6.48 -12.21 1.69
C PHE A 228 7.54 -12.28 2.81
N TYR A 229 8.82 -12.37 2.48
CA TYR A 229 9.91 -12.48 3.49
C TYR A 229 10.19 -11.12 4.14
N LYS A 230 10.18 -10.01 3.38
CA LYS A 230 10.26 -8.62 3.90
C LYS A 230 9.19 -8.49 4.99
N HIS A 231 7.94 -8.73 4.60
CA HIS A 231 6.74 -8.57 5.46
C HIS A 231 6.80 -9.50 6.68
N ARG A 232 7.24 -10.77 6.55
CA ARG A 232 7.35 -11.71 7.70
C ARG A 232 8.40 -11.15 8.67
N ALA A 233 9.45 -10.50 8.15
CA ALA A 233 10.47 -9.74 8.95
C ALA A 233 9.84 -8.52 9.61
N GLU A 234 8.94 -7.80 8.93
CA GLU A 234 8.32 -6.60 9.54
C GLU A 234 7.29 -7.02 10.61
N ALA A 235 7.10 -8.33 10.90
CA ALA A 235 5.87 -8.86 11.56
C ALA A 235 4.64 -8.11 11.03
N GLU A 236 4.56 -7.90 9.71
CA GLU A 236 3.41 -7.20 9.05
C GLU A 236 2.12 -7.94 9.33
N VAL A 237 1.06 -7.16 9.39
CA VAL A 237 -0.34 -7.61 9.31
C VAL A 237 -0.78 -7.55 7.86
N SER A 238 -0.19 -6.69 7.02
CA SER A 238 -0.77 -6.44 5.69
C SER A 238 -0.04 -7.30 4.67
N ASN A 239 -0.27 -8.62 4.69
CA ASN A 239 0.28 -9.51 3.64
C ASN A 239 -0.79 -10.58 3.41
N LEU A 240 -1.13 -10.80 2.16
CA LEU A 240 -2.18 -11.73 1.73
C LEU A 240 -1.88 -13.13 2.27
N TYR A 241 -0.62 -13.53 2.26
CA TYR A 241 -0.22 -14.92 2.56
C TYR A 241 -0.21 -15.13 4.08
N ALA A 242 -0.23 -14.07 4.89
CA ALA A 242 -0.42 -14.23 6.36
C ALA A 242 -1.77 -14.88 6.63
N TYR A 243 -2.71 -14.75 5.72
CA TYR A 243 -4.11 -15.21 5.89
C TYR A 243 -4.30 -16.45 5.04
N CYS A 244 -3.85 -16.44 3.78
CA CYS A 244 -4.03 -17.59 2.87
C CYS A 244 -3.24 -18.82 3.31
N GLY A 245 -2.11 -18.60 3.96
CA GLY A 245 -1.13 -19.62 4.34
C GLY A 245 0.19 -19.46 3.62
N GLN A 246 1.25 -20.05 4.18
CA GLN A 246 2.67 -19.77 3.88
C GLN A 246 3.30 -20.85 3.00
N ASP A 247 2.54 -21.83 2.52
CA ASP A 247 3.12 -22.89 1.65
C ASP A 247 3.53 -22.29 0.28
N LEU A 248 4.76 -22.56 -0.11
CA LEU A 248 5.31 -22.09 -1.43
C LEU A 248 4.41 -22.56 -2.58
N GLU A 249 3.88 -23.80 -2.56
CA GLU A 249 3.06 -24.29 -3.69
C GLU A 249 1.92 -23.33 -4.02
N PHE A 250 1.18 -22.85 -3.02
CA PHE A 250 0.01 -22.00 -3.17
C PHE A 250 0.48 -20.67 -3.78
N ARG A 251 1.54 -20.18 -3.18
CA ARG A 251 2.11 -18.87 -3.60
C ARG A 251 2.55 -18.95 -5.07
N GLN A 252 3.31 -19.99 -5.43
CA GLN A 252 3.71 -20.16 -6.85
C GLN A 252 2.48 -20.17 -7.74
N GLU A 253 1.46 -20.97 -7.43
CA GLU A 253 0.25 -21.14 -8.26
C GLU A 253 -0.46 -19.80 -8.52
N VAL A 254 -0.79 -19.06 -7.45
CA VAL A 254 -1.61 -17.85 -7.57
C VAL A 254 -0.72 -16.73 -8.15
N TYR A 255 0.60 -16.74 -7.92
CA TYR A 255 1.54 -15.77 -8.56
C TYR A 255 1.49 -15.99 -10.07
N GLN A 256 1.62 -17.25 -10.49
CA GLN A 256 1.53 -17.60 -11.92
C GLN A 256 0.19 -17.16 -12.54
N THR A 257 -0.92 -17.38 -11.86
CA THR A 257 -2.24 -17.01 -12.37
C THR A 257 -2.35 -15.47 -12.48
N ALA A 258 -1.94 -14.75 -11.45
CA ALA A 258 -1.97 -13.27 -11.42
C ALA A 258 -1.11 -12.72 -12.56
N ARG A 259 0.11 -13.22 -12.73
CA ARG A 259 1.01 -12.70 -13.80
C ARG A 259 0.42 -13.06 -15.18
N SER A 260 -0.18 -14.25 -15.33
CA SER A 260 -0.86 -14.62 -16.59
C SER A 260 -2.06 -13.71 -16.91
N THR A 261 -2.91 -13.40 -15.91
CA THR A 261 -4.05 -12.50 -16.11
C THR A 261 -3.53 -11.10 -16.50
N LEU A 262 -2.46 -10.68 -15.85
CA LEU A 262 -1.89 -9.35 -16.12
C LEU A 262 -1.32 -9.33 -17.53
N TRP A 263 -0.71 -10.40 -18.04
CA TRP A 263 -0.28 -10.42 -19.47
C TRP A 263 -1.51 -10.37 -20.39
N ALA A 264 -2.62 -11.05 -20.06
CA ALA A 264 -3.85 -10.91 -20.87
C ALA A 264 -4.32 -9.44 -20.88
N LEU A 265 -4.30 -8.78 -19.73
CA LEU A 265 -4.80 -7.42 -19.57
C LEU A 265 -3.88 -6.49 -20.37
N GLU A 266 -2.57 -6.69 -20.24
CA GLU A 266 -1.61 -5.85 -20.98
C GLU A 266 -1.88 -5.97 -22.49
N THR A 267 -2.07 -7.19 -22.97
CA THR A 267 -2.25 -7.43 -24.39
C THR A 267 -3.52 -6.71 -24.86
N MET A 268 -4.59 -6.75 -24.06
CA MET A 268 -5.88 -6.09 -24.42
C MET A 268 -5.78 -4.56 -24.31
N TRP A 269 -5.01 -4.02 -23.36
CA TRP A 269 -5.10 -2.58 -22.99
C TRP A 269 -3.90 -1.76 -23.48
N CYS A 270 -2.88 -2.36 -24.07
CA CYS A 270 -1.62 -1.64 -24.27
C CYS A 270 -1.73 -0.52 -25.32
N LYS A 271 -2.82 -0.40 -26.10
CA LYS A 271 -2.88 0.62 -27.17
C LYS A 271 -3.45 1.96 -26.69
N THR A 272 -3.83 2.09 -25.42
CA THR A 272 -4.30 3.38 -24.89
C THR A 272 -3.46 3.82 -23.73
N VAL A 273 -3.42 5.13 -23.54
CA VAL A 273 -2.63 5.76 -22.46
C VAL A 273 -3.21 5.33 -21.11
N GLN A 274 -4.53 5.30 -20.95
CA GLN A 274 -5.16 4.88 -19.69
C GLN A 274 -4.84 3.40 -19.47
N GLY A 275 -4.89 2.56 -20.50
CA GLY A 275 -4.57 1.13 -20.39
C GLY A 275 -3.14 0.97 -19.91
N ARG A 276 -2.22 1.66 -20.59
CA ARG A 276 -0.79 1.52 -20.17
C ARG A 276 -0.61 2.05 -18.76
N SER A 277 -1.27 3.15 -18.37
CA SER A 277 -1.12 3.72 -17.02
C SER A 277 -1.37 2.61 -15.98
N ALA A 278 -2.46 1.89 -16.19
CA ALA A 278 -2.87 0.75 -15.34
C ALA A 278 -1.84 -0.39 -15.41
N ILE A 279 -1.49 -0.84 -16.60
CA ILE A 279 -0.51 -1.96 -16.82
C ILE A 279 0.78 -1.60 -16.10
N ASN A 280 1.29 -0.38 -16.29
CA ASN A 280 2.67 -0.10 -15.84
C ASN A 280 2.71 -0.18 -14.33
N LEU A 281 1.66 0.30 -13.63
CA LEU A 281 1.68 0.26 -12.16
C LEU A 281 1.68 -1.21 -11.71
N LEU A 282 0.76 -1.97 -12.22
CA LEU A 282 0.55 -3.37 -11.77
C LEU A 282 1.78 -4.22 -12.08
N LYS A 283 2.31 -4.09 -13.29
CA LYS A 283 3.41 -5.00 -13.69
C LYS A 283 4.66 -4.67 -12.88
N ASN A 284 4.87 -3.40 -12.51
CA ASN A 284 6.10 -2.96 -11.79
C ASN A 284 6.02 -3.19 -10.29
N LEU A 285 4.84 -3.50 -9.73
CA LEU A 285 4.72 -3.73 -8.28
C LEU A 285 5.71 -4.78 -7.82
N PRO A 286 5.71 -6.00 -8.39
CA PRO A 286 6.63 -7.02 -7.92
C PRO A 286 8.09 -6.70 -8.26
N LEU A 287 8.28 -5.92 -9.35
CA LEU A 287 9.65 -5.68 -9.90
C LEU A 287 10.45 -4.64 -9.11
N ILE A 288 9.81 -3.83 -8.28
CA ILE A 288 10.53 -2.77 -7.53
C ILE A 288 11.55 -3.43 -6.61
N HIS A 289 11.33 -4.72 -6.26
CA HIS A 289 12.27 -5.38 -5.34
C HIS A 289 13.63 -5.52 -6.04
N MET A 290 13.67 -5.49 -7.36
CA MET A 290 14.96 -5.47 -8.10
C MET A 290 15.34 -4.05 -8.55
N SER A 291 14.38 -3.18 -8.88
CA SER A 291 14.69 -1.88 -9.54
C SER A 291 14.96 -0.76 -8.55
N MET A 292 14.37 -0.78 -7.35
CA MET A 292 14.47 0.29 -6.34
C MET A 292 15.49 -0.06 -5.25
N ARG A 293 16.18 0.96 -4.81
CA ARG A 293 17.09 0.88 -3.62
C ARG A 293 16.34 0.74 -2.29
N ARG A 294 15.01 0.97 -2.21
CA ARG A 294 14.23 0.65 -0.97
C ARG A 294 14.46 -0.83 -0.60
N TYR A 295 14.77 -1.65 -1.59
CA TYR A 295 14.80 -3.11 -1.43
C TYR A 295 16.27 -3.58 -1.47
N ARG A 296 16.41 -4.88 -1.28
CA ARG A 296 17.67 -5.50 -0.83
C ARG A 296 18.34 -6.28 -1.96
N PHE A 297 17.82 -6.26 -3.20
CA PHE A 297 18.39 -7.13 -4.27
C PHE A 297 19.93 -7.13 -4.19
N VAL A 298 20.63 -6.00 -4.15
CA VAL A 298 22.12 -5.91 -4.18
C VAL A 298 22.68 -6.49 -2.85
N GLU A 299 22.17 -6.00 -1.73
CA GLU A 299 22.75 -6.34 -0.39
C GLU A 299 22.55 -7.84 -0.11
N ASP A 300 21.49 -8.45 -0.62
CA ASP A 300 21.18 -9.89 -0.50
C ASP A 300 21.95 -10.76 -1.51
N GLY A 301 23.01 -10.24 -2.14
CA GLY A 301 23.86 -11.00 -3.09
C GLY A 301 23.21 -11.20 -4.46
N LEU A 302 22.51 -10.15 -4.91
CA LEU A 302 21.73 -10.20 -6.19
C LEU A 302 20.72 -11.34 -6.19
N THR A 303 19.87 -11.46 -5.16
CA THR A 303 18.82 -12.47 -5.11
C THR A 303 17.51 -11.82 -4.69
N ILE A 304 16.46 -12.50 -5.09
CA ILE A 304 15.04 -12.35 -4.61
C ILE A 304 14.60 -13.68 -3.99
N GLY A 305 13.88 -13.63 -2.85
CA GLY A 305 13.11 -14.81 -2.41
C GLY A 305 13.88 -15.66 -1.45
N LYS A 306 14.98 -15.15 -0.92
CA LYS A 306 15.67 -15.85 0.19
C LYS A 306 14.87 -15.59 1.46
N PRO A 307 14.57 -16.63 2.26
CA PRO A 307 13.83 -16.44 3.50
C PRO A 307 14.47 -15.36 4.39
N GLU A 308 13.64 -14.66 5.17
CA GLU A 308 14.11 -13.58 6.06
C GLU A 308 14.85 -14.23 7.23
N THR A 309 15.73 -13.48 7.87
CA THR A 309 16.48 -13.90 9.09
C THR A 309 16.19 -12.89 10.20
N SER A 310 16.58 -13.22 11.44
CA SER A 310 16.48 -12.29 12.58
C SER A 310 17.34 -11.05 12.26
N ALA A 311 18.41 -11.20 11.45
CA ALA A 311 19.24 -10.08 10.97
C ALA A 311 18.36 -9.09 10.19
N VAL A 312 17.52 -9.57 9.25
CA VAL A 312 16.58 -8.69 8.49
C VAL A 312 15.52 -8.13 9.46
N VAL A 313 15.08 -8.93 10.45
CA VAL A 313 14.11 -8.44 11.48
C VAL A 313 14.69 -7.18 12.13
N ARG A 314 15.96 -7.24 12.56
CA ARG A 314 16.62 -6.12 13.30
C ARG A 314 16.84 -4.93 12.36
N ALA A 315 17.14 -5.18 11.08
CA ALA A 315 17.27 -4.15 10.03
C ALA A 315 15.95 -3.37 9.93
N ALA A 316 14.82 -4.07 9.85
CA ALA A 316 13.48 -3.43 9.72
C ALA A 316 13.22 -2.58 10.97
N ARG A 317 13.53 -3.11 12.16
CA ARG A 317 13.28 -2.39 13.44
C ARG A 317 14.05 -1.07 13.45
N ASN A 318 15.29 -1.09 12.93
CA ASN A 318 16.22 0.09 12.91
C ASN A 318 16.01 0.88 11.60
N HIS A 319 14.92 0.61 10.88
CA HIS A 319 14.42 1.41 9.73
C HIS A 319 15.43 1.44 8.58
N VAL A 320 16.25 0.39 8.43
CA VAL A 320 17.16 0.24 7.24
C VAL A 320 16.25 0.19 6.00
N LYS A 321 16.56 1.01 4.99
CA LYS A 321 15.76 1.20 3.74
C LYS A 321 14.35 1.73 4.08
N LEU A 322 14.17 2.31 5.27
CA LEU A 322 12.92 2.97 5.77
C LEU A 322 11.84 1.91 6.02
N TRP A 323 12.24 0.64 6.22
CA TRP A 323 11.30 -0.44 6.66
C TRP A 323 10.81 -0.14 8.08
N TYR A 324 9.84 -0.92 8.55
CA TYR A 324 9.20 -0.74 9.88
C TYR A 324 8.80 -2.11 10.39
N ARG A 325 9.30 -2.49 11.57
CA ARG A 325 8.91 -3.71 12.30
C ARG A 325 7.79 -3.36 13.30
N ASN A 326 6.62 -3.98 13.19
CA ASN A 326 5.54 -3.81 14.18
C ASN A 326 5.84 -4.78 15.33
N ASP A 327 6.40 -4.28 16.44
CA ASP A 327 6.58 -5.09 17.68
C ASP A 327 5.33 -4.89 18.56
N ALA A 328 4.89 -5.98 19.19
CA ALA A 328 3.87 -6.05 20.25
C ALA A 328 4.43 -5.42 21.54
N MET A 336 -5.38 4.14 22.85
CA MET A 336 -5.97 4.89 21.70
C MET A 336 -5.99 6.39 21.98
N GLU A 337 -5.58 7.19 20.99
CA GLU A 337 -5.77 8.66 20.98
C GLU A 337 -6.71 8.94 19.80
N ARG A 338 -6.38 8.60 18.54
CA ARG A 338 -7.33 8.78 17.41
C ARG A 338 -8.49 7.79 17.59
N SER A 339 -9.73 8.22 17.32
CA SER A 339 -10.94 7.38 17.43
C SER A 339 -11.66 7.30 16.08
N PHE A 340 -12.57 6.34 15.91
CA PHE A 340 -13.46 6.29 14.72
C PHE A 340 -14.08 7.69 14.54
N GLU A 341 -14.59 8.28 15.62
CA GLU A 341 -15.38 9.52 15.49
C GLU A 341 -14.46 10.64 14.97
N SER A 342 -13.20 10.71 15.39
CA SER A 342 -12.31 11.86 15.05
C SER A 342 -11.86 11.71 13.60
N VAL A 343 -11.76 10.47 13.10
CA VAL A 343 -11.13 10.22 11.76
C VAL A 343 -12.18 9.83 10.71
N GLN A 344 -13.41 9.51 11.06
CA GLN A 344 -14.29 8.85 10.06
C GLN A 344 -14.63 9.76 8.86
N TYR A 345 -14.48 11.09 8.92
CA TYR A 345 -14.70 11.98 7.77
C TYR A 345 -13.78 11.64 6.60
N MET A 346 -12.61 11.06 6.87
CA MET A 346 -11.62 10.91 5.77
C MET A 346 -11.73 9.48 5.18
N LEU A 347 -12.60 8.64 5.72
CA LEU A 347 -12.63 7.20 5.37
C LEU A 347 -13.48 6.95 4.13
N TYR A 348 -12.97 6.14 3.22
CA TYR A 348 -13.75 5.70 2.04
C TYR A 348 -14.78 4.67 2.54
N PRO A 349 -15.88 4.45 1.82
CA PRO A 349 -17.02 3.74 2.39
C PRO A 349 -16.73 2.34 2.93
N GLU A 350 -15.99 1.54 2.16
CA GLU A 350 -15.69 0.15 2.59
C GLU A 350 -14.85 0.12 3.87
N LEU A 351 -13.95 1.08 4.13
CA LEU A 351 -13.16 1.12 5.37
C LEU A 351 -14.01 1.58 6.55
N LYS A 352 -14.88 2.54 6.31
CA LYS A 352 -15.83 3.02 7.33
C LYS A 352 -16.69 1.82 7.78
N GLU A 353 -17.19 1.00 6.84
CA GLU A 353 -17.97 -0.23 7.15
C GLU A 353 -17.06 -1.21 7.90
N ALA A 354 -15.87 -1.48 7.39
CA ALA A 354 -14.93 -2.46 7.98
C ALA A 354 -14.65 -2.16 9.45
N LEU A 355 -14.56 -0.88 9.81
CA LEU A 355 -14.25 -0.48 11.19
C LEU A 355 -15.48 -0.58 12.11
N GLN A 356 -16.66 -0.91 11.59
CA GLN A 356 -17.91 -1.00 12.39
C GLN A 356 -18.57 -2.39 12.27
N LEU A 357 -17.81 -3.42 11.87
CA LEU A 357 -18.32 -4.79 11.70
C LEU A 357 -18.92 -5.29 13.01
N PRO A 358 -20.09 -5.95 12.97
CA PRO A 358 -20.74 -6.42 14.20
C PRO A 358 -19.86 -7.51 14.82
N ILE A 359 -19.46 -7.32 16.08
CA ILE A 359 -18.61 -8.26 16.89
C ILE A 359 -19.28 -9.66 16.89
N THR A 360 -20.61 -9.72 16.80
CA THR A 360 -21.38 -11.00 16.81
C THR A 360 -21.09 -11.81 15.54
N GLU A 361 -20.55 -11.20 14.47
CA GLU A 361 -20.36 -11.92 13.19
C GLU A 361 -18.87 -12.22 12.92
N MET A 362 -17.97 -11.89 13.84
CA MET A 362 -16.52 -12.20 13.73
C MET A 362 -16.29 -13.71 13.98
N CYS A 363 -15.39 -14.33 13.22
CA CYS A 363 -15.09 -15.78 13.36
C CYS A 363 -14.42 -16.06 14.71
N GLN A 364 -15.10 -16.80 15.62
CA GLN A 364 -14.50 -17.11 16.95
C GLN A 364 -13.34 -18.11 16.86
N LYS A 365 -13.24 -18.95 15.80
CA LYS A 365 -12.14 -19.95 15.68
C LYS A 365 -10.86 -19.31 15.17
N CYS A 366 -10.98 -18.15 14.53
CA CYS A 366 -9.77 -17.34 14.25
C CYS A 366 -9.18 -16.87 15.58
N THR A 367 -7.87 -16.81 15.64
CA THR A 367 -7.12 -16.48 16.88
C THR A 367 -6.75 -15.00 16.84
N ARG A 368 -7.32 -14.24 17.78
CA ARG A 368 -7.06 -12.81 18.05
C ARG A 368 -6.10 -12.67 19.22
N ARG A 369 -5.56 -11.47 19.38
CA ARG A 369 -4.61 -11.12 20.47
C ARG A 369 -5.05 -9.78 21.04
N GLU A 370 -4.70 -9.53 22.30
CA GLU A 370 -4.95 -8.19 22.91
C GLU A 370 -4.06 -7.14 22.20
N VAL A 371 -2.81 -7.45 21.90
CA VAL A 371 -1.88 -6.54 21.18
C VAL A 371 -1.23 -7.33 20.04
N TYR A 372 -1.16 -6.71 18.87
CA TYR A 372 -0.67 -7.34 17.64
C TYR A 372 0.77 -6.94 17.38
N GLY A 373 1.36 -7.56 16.36
CA GLY A 373 2.76 -7.33 15.98
C GLY A 373 3.65 -8.46 16.45
N GLY A 374 4.95 -8.29 16.22
CA GLY A 374 5.97 -9.33 16.45
C GLY A 374 6.08 -9.64 17.92
N VAL A 375 6.27 -10.92 18.25
CA VAL A 375 6.60 -11.34 19.64
C VAL A 375 7.94 -12.09 19.60
N SER A 376 8.57 -12.13 18.42
CA SER A 376 9.79 -12.91 18.09
C SER A 376 9.56 -14.39 18.42
N GLN A 380 6.21 -13.63 13.65
CA GLN A 380 5.86 -14.17 12.31
C GLN A 380 5.19 -13.06 11.51
N PHE A 381 4.00 -13.30 10.94
CA PHE A 381 3.06 -12.21 10.67
C PHE A 381 2.43 -11.82 12.01
N GLY A 382 1.97 -10.58 12.07
CA GLY A 382 1.68 -9.95 13.38
C GLY A 382 0.19 -9.87 13.72
N GLY A 383 -0.70 -10.41 12.91
CA GLY A 383 -2.13 -10.11 13.06
C GLY A 383 -2.92 -11.34 13.51
N VAL A 384 -4.15 -11.38 13.07
CA VAL A 384 -5.06 -12.51 13.34
C VAL A 384 -4.47 -13.74 12.66
N VAL A 385 -4.58 -14.91 13.30
CA VAL A 385 -4.22 -16.21 12.67
C VAL A 385 -5.52 -16.90 12.30
N LEU A 386 -5.78 -17.10 11.02
CA LEU A 386 -7.06 -17.68 10.56
C LEU A 386 -7.18 -19.13 11.03
N CYS A 387 -8.42 -19.50 11.27
CA CYS A 387 -8.75 -20.93 11.50
C CYS A 387 -8.71 -21.69 10.17
N LYS A 388 -8.75 -23.03 10.19
CA LYS A 388 -8.64 -23.77 8.92
C LYS A 388 -9.85 -23.46 8.03
N ASP A 389 -11.04 -23.33 8.57
CA ASP A 389 -12.24 -22.99 7.77
C ASP A 389 -12.01 -21.63 7.11
N SER A 390 -11.64 -20.60 7.88
CA SER A 390 -11.46 -19.25 7.28
C SER A 390 -10.36 -19.33 6.23
N GLN A 391 -9.25 -19.96 6.55
CA GLN A 391 -8.08 -20.03 5.62
C GLN A 391 -8.54 -20.70 4.33
N GLU A 392 -9.38 -21.74 4.41
CA GLU A 392 -9.82 -22.40 3.16
C GLU A 392 -10.70 -21.46 2.33
N GLU A 393 -11.51 -20.61 2.94
CA GLU A 393 -12.35 -19.57 2.30
C GLU A 393 -11.41 -18.62 1.52
N TRP A 394 -10.34 -18.19 2.15
CA TRP A 394 -9.40 -17.25 1.49
C TRP A 394 -8.74 -17.99 0.32
N ARG A 395 -8.13 -19.16 0.56
CA ARG A 395 -7.41 -19.89 -0.54
C ARG A 395 -8.39 -20.12 -1.69
N HIS A 396 -9.64 -20.50 -1.40
CA HIS A 396 -10.64 -20.73 -2.46
C HIS A 396 -10.83 -19.44 -3.26
N TYR A 397 -10.98 -18.32 -2.57
CA TYR A 397 -11.29 -17.02 -3.20
C TYR A 397 -10.12 -16.64 -4.13
N VAL A 398 -8.91 -16.81 -3.64
CA VAL A 398 -7.69 -16.41 -4.40
C VAL A 398 -7.49 -17.36 -5.59
N ARG A 399 -7.75 -18.64 -5.42
CA ARG A 399 -7.72 -19.59 -6.57
C ARG A 399 -8.81 -19.39 -7.63
N SER A 400 -9.91 -18.72 -7.33
CA SER A 400 -11.02 -18.45 -8.26
C SER A 400 -10.83 -17.08 -8.94
N SER A 401 -9.64 -16.48 -8.80
CA SER A 401 -9.33 -15.12 -9.33
C SER A 401 -9.62 -15.03 -10.84
N GLU A 402 -9.17 -16.02 -11.62
CA GLU A 402 -9.17 -15.90 -13.11
C GLU A 402 -10.60 -15.64 -13.56
N SER A 403 -11.56 -16.46 -13.11
CA SER A 403 -12.97 -16.36 -13.55
C SER A 403 -13.54 -15.03 -13.06
N ARG A 404 -13.25 -14.66 -11.81
CA ARG A 404 -13.71 -13.39 -11.18
C ARG A 404 -13.18 -12.19 -12.01
N HIS A 405 -11.90 -12.19 -12.34
CA HIS A 405 -11.20 -11.06 -13.04
C HIS A 405 -11.64 -10.95 -14.48
N LEU A 406 -11.74 -12.08 -15.18
CA LEU A 406 -12.18 -12.12 -16.59
C LEU A 406 -13.55 -11.46 -16.67
N ASP A 407 -14.43 -11.75 -15.72
CA ASP A 407 -15.77 -11.09 -15.63
C ASP A 407 -15.58 -9.58 -15.40
N TRP A 408 -14.89 -9.19 -14.32
CA TRP A 408 -14.79 -7.78 -13.89
C TRP A 408 -14.12 -6.93 -14.99
N LEU A 409 -13.17 -7.49 -15.76
CA LEU A 409 -12.30 -6.75 -16.72
C LEU A 409 -12.89 -6.71 -18.14
N GLY A 410 -14.06 -7.33 -18.35
CA GLY A 410 -14.72 -7.52 -19.66
C GLY A 410 -13.91 -8.39 -20.62
#